data_6WB5
#
_entry.id   6WB5
#
_cell.length_a   86.551
_cell.length_b   86.551
_cell.length_c   164.334
_cell.angle_alpha   90.000
_cell.angle_beta   90.000
_cell.angle_gamma   120.000
#
_symmetry.space_group_name_H-M   'P 65'
#
loop_
_entity.id
_entity.type
_entity.pdbx_description
1 polymer 'Acarbose Kinase Mak1'
2 branched 4,6-dideoxy-4-{[(1S,4R,5S,6S)-4,5,6-trihydroxy-3-(hydroxymethyl)cyclohex-2-en-1-yl]amino}-alpha-D-glucopyranose-(1-4)-alpha-D-glucopyranose-(1-4)-alpha-D-glucopyranose
3 non-polymer 'PHOSPHOAMINOPHOSPHONIC ACID-ADENYLATE ESTER'
4 non-polymer 'MANGANESE (II) ION'
#
_entity_poly.entity_id   1
_entity_poly.type   'polypeptide(L)'
_entity_poly.pdbx_seq_one_letter_code
;MGSSHHHHHHSSGLVPRGSHMTQADVLVVGGVGVDHIVRVKSLPLPVVDSMMVPPIVTVVGHTGNGVALGVHALGRASAM
ADVIGDDAEGRLIQDAYSAAGIPITFVTHISGTRRSVNLVTEEGQRMSLYDPRHPFEFIPDPSLWREGIERSRHVHVSIM
NWARYALRDAVAAGRSTSTDLHDWDGVADYHKDFAYGADYVFVSAAALRDESGVVADVFARGRAQFVVVMAGSEGARVWR
RSDELPLRISPISIPGRPVVDSNGAGDSFVAAFLCHYLDHGDIFGAARAGAVGGAWACGTLGTHTSFVDVETLERLLAR
;
_entity_poly.pdbx_strand_id   A,B
#
# COMPACT_ATOMS: atom_id res chain seq x y z
N MET A 21 -0.89 -31.34 11.70
CA MET A 21 -1.07 -32.47 12.60
C MET A 21 -0.61 -33.77 11.94
N THR A 22 -0.77 -33.82 10.62
CA THR A 22 -0.48 -35.01 9.83
C THR A 22 0.88 -34.90 9.13
N GLN A 23 1.26 -35.97 8.43
CA GLN A 23 2.48 -35.97 7.62
C GLN A 23 2.37 -34.94 6.50
N ALA A 24 3.48 -34.25 6.24
CA ALA A 24 3.53 -33.28 5.14
C ALA A 24 4.72 -33.60 4.24
N ASP A 25 4.60 -33.24 2.97
CA ASP A 25 5.67 -33.48 2.02
C ASP A 25 6.71 -32.37 2.10
N VAL A 26 6.24 -31.13 2.04
CA VAL A 26 7.13 -29.98 2.19
C VAL A 26 6.71 -29.12 3.36
N LEU A 27 7.62 -28.98 4.32
CA LEU A 27 7.42 -28.01 5.39
C LEU A 27 8.12 -26.73 5.03
N VAL A 28 7.36 -25.64 4.97
CA VAL A 28 7.97 -24.33 4.74
C VAL A 28 8.10 -23.60 6.07
N VAL A 29 9.31 -23.11 6.34
CA VAL A 29 9.56 -22.39 7.58
C VAL A 29 9.70 -20.90 7.32
N GLY A 30 8.73 -20.14 7.83
CA GLY A 30 8.77 -18.70 7.72
C GLY A 30 8.53 -18.17 6.32
N GLY A 31 8.20 -16.88 6.24
CA GLY A 31 8.09 -16.22 4.96
C GLY A 31 6.68 -15.96 4.52
N VAL A 32 5.76 -15.82 5.46
CA VAL A 32 4.40 -15.44 5.10
C VAL A 32 4.09 -14.03 5.62
N GLY A 33 3.47 -13.23 4.76
CA GLY A 33 3.15 -11.86 5.09
C GLY A 33 2.08 -11.34 4.16
N VAL A 34 2.00 -10.02 4.01
CA VAL A 34 1.00 -9.40 3.15
C VAL A 34 1.64 -8.43 2.17
N ASP A 35 1.25 -8.51 0.90
CA ASP A 35 1.78 -7.63 -0.14
C ASP A 35 0.76 -6.60 -0.61
N HIS A 36 1.24 -5.37 -0.82
CA HIS A 36 0.42 -4.33 -1.42
C HIS A 36 0.94 -4.03 -2.82
N ILE A 37 0.14 -4.34 -3.83
CA ILE A 37 0.61 -4.26 -5.21
C ILE A 37 0.11 -3.01 -5.93
N VAL A 38 1.07 -2.19 -6.35
CA VAL A 38 0.75 -0.97 -7.08
C VAL A 38 1.27 -1.06 -8.50
N ARG A 39 0.37 -0.98 -9.46
CA ARG A 39 0.80 -0.98 -10.85
C ARG A 39 1.12 0.44 -11.30
N VAL A 40 2.36 0.64 -11.74
CA VAL A 40 2.86 1.96 -12.14
C VAL A 40 3.23 1.93 -13.62
N LYS A 41 3.16 3.07 -14.29
CA LYS A 41 3.50 3.12 -15.70
C LYS A 41 4.92 2.60 -15.95
N SER A 42 5.91 3.22 -15.29
CA SER A 42 7.28 2.72 -15.36
C SER A 42 8.15 3.11 -14.16
N LEU A 43 9.31 2.46 -14.08
CA LEU A 43 10.29 2.62 -13.03
C LEU A 43 11.62 3.01 -13.64
N PRO A 44 12.28 4.07 -13.12
CA PRO A 44 12.02 4.85 -11.90
C PRO A 44 10.79 5.74 -11.96
N LEU A 45 10.13 5.93 -10.81
CA LEU A 45 8.91 6.73 -10.73
C LEU A 45 9.11 8.17 -11.16
N PRO A 46 8.11 8.72 -11.87
CA PRO A 46 8.08 10.13 -12.27
C PRO A 46 8.24 11.08 -11.09
N VAL A 47 8.49 12.34 -11.39
CA VAL A 47 8.70 13.37 -10.39
C VAL A 47 7.41 14.14 -10.17
N VAL A 48 6.66 13.75 -9.15
CA VAL A 48 5.33 14.31 -8.93
C VAL A 48 4.99 14.30 -7.44
N ASP A 49 3.93 15.02 -7.08
CA ASP A 49 3.46 15.05 -5.70
C ASP A 49 2.35 14.04 -5.52
N SER A 50 1.70 13.70 -6.62
CA SER A 50 0.59 12.76 -6.61
C SER A 50 0.40 12.21 -8.00
N MET A 51 0.29 10.89 -8.08
CA MET A 51 0.08 10.23 -9.35
C MET A 51 -1.02 9.18 -9.19
N MET A 52 -1.88 9.07 -10.19
CA MET A 52 -3.01 8.18 -10.08
C MET A 52 -2.66 6.82 -10.64
N VAL A 53 -3.02 5.78 -9.92
CA VAL A 53 -2.69 4.41 -10.32
C VAL A 53 -3.94 3.55 -10.40
N PRO A 54 -3.87 2.49 -11.21
CA PRO A 54 -4.95 1.49 -11.20
C PRO A 54 -5.00 0.80 -9.84
N PRO A 55 -6.15 0.20 -9.50
CA PRO A 55 -6.43 -0.46 -8.21
C PRO A 55 -5.23 -1.14 -7.54
N ILE A 56 -5.06 -0.82 -6.27
CA ILE A 56 -3.99 -1.36 -5.44
C ILE A 56 -4.52 -2.53 -4.63
N VAL A 57 -4.14 -3.74 -5.06
CA VAL A 57 -4.63 -4.95 -4.43
C VAL A 57 -3.82 -5.35 -3.20
N THR A 58 -4.47 -6.01 -2.26
CA THR A 58 -3.80 -6.47 -1.06
C THR A 58 -3.91 -8.00 -0.95
N VAL A 59 -2.79 -8.69 -1.14
CA VAL A 59 -2.79 -10.15 -1.12
C VAL A 59 -1.82 -10.73 -0.11
N VAL A 60 -2.15 -11.92 0.37
CA VAL A 60 -1.24 -12.67 1.21
C VAL A 60 -0.07 -13.08 0.35
N GLY A 61 1.14 -12.95 0.87
CA GLY A 61 2.32 -13.26 0.08
C GLY A 61 3.58 -13.55 0.85
N HIS A 62 4.70 -13.13 0.26
CA HIS A 62 6.07 -13.37 0.74
C HIS A 62 6.53 -14.80 0.46
N THR A 63 7.85 -14.95 0.35
CA THR A 63 8.48 -16.11 -0.26
C THR A 63 7.98 -17.46 0.24
N GLY A 64 7.99 -17.66 1.55
CA GLY A 64 7.57 -18.92 2.13
C GLY A 64 6.15 -19.27 1.71
N ASN A 65 5.26 -18.29 1.80
CA ASN A 65 3.86 -18.49 1.46
C ASN A 65 3.70 -18.96 0.02
N GLY A 66 4.53 -18.42 -0.86
CA GLY A 66 4.50 -18.81 -2.25
C GLY A 66 4.79 -20.28 -2.45
N VAL A 67 5.88 -20.74 -1.83
CA VAL A 67 6.30 -22.12 -1.93
C VAL A 67 5.22 -23.06 -1.38
N ALA A 68 4.70 -22.76 -0.20
CA ALA A 68 3.68 -23.59 0.44
C ALA A 68 2.43 -23.77 -0.44
N LEU A 69 1.91 -22.66 -0.96
CA LEU A 69 0.73 -22.70 -1.83
C LEU A 69 1.00 -23.54 -3.06
N GLY A 70 2.14 -23.27 -3.71
CA GLY A 70 2.54 -24.00 -4.90
C GLY A 70 2.61 -25.50 -4.70
N VAL A 71 3.21 -25.92 -3.59
CA VAL A 71 3.25 -27.35 -3.26
C VAL A 71 1.85 -27.90 -3.14
N HIS A 72 1.03 -27.25 -2.33
CA HIS A 72 -0.35 -27.65 -2.11
C HIS A 72 -1.15 -27.67 -3.40
N ALA A 73 -0.92 -26.66 -4.23
CA ALA A 73 -1.60 -26.55 -5.52
C ALA A 73 -1.24 -27.70 -6.45
N LEU A 74 -0.12 -28.35 -6.18
CA LEU A 74 0.33 -29.48 -6.99
C LEU A 74 -0.06 -30.82 -6.39
N GLY A 75 -1.07 -30.81 -5.53
CA GLY A 75 -1.59 -32.04 -4.97
C GLY A 75 -0.78 -32.62 -3.83
N ARG A 76 0.39 -32.04 -3.55
CA ARG A 76 1.23 -32.54 -2.48
C ARG A 76 0.83 -31.90 -1.16
N ALA A 77 1.42 -32.35 -0.06
CA ALA A 77 1.05 -31.87 1.26
C ALA A 77 2.08 -30.89 1.80
N SER A 78 1.68 -29.64 1.92
CA SER A 78 2.54 -28.62 2.49
C SER A 78 2.08 -28.23 3.89
N ALA A 79 2.83 -27.34 4.52
CA ALA A 79 2.55 -26.86 5.86
C ALA A 79 3.42 -25.66 6.17
N MET A 80 2.89 -24.72 6.94
CA MET A 80 3.60 -23.49 7.26
C MET A 80 3.98 -23.42 8.73
N ALA A 81 5.15 -22.85 8.97
CA ALA A 81 5.56 -22.48 10.31
C ALA A 81 6.23 -21.12 10.24
N ASP A 82 5.59 -20.10 10.78
CA ASP A 82 6.12 -18.74 10.70
C ASP A 82 5.73 -17.92 11.91
N VAL A 83 6.33 -16.73 12.00
CA VAL A 83 5.92 -15.71 12.97
C VAL A 83 5.03 -14.69 12.27
N ILE A 84 3.77 -14.62 12.68
CA ILE A 84 2.88 -13.60 12.18
C ILE A 84 2.50 -12.68 13.32
N GLY A 85 1.71 -11.65 13.02
CA GLY A 85 1.29 -10.70 14.02
C GLY A 85 -0.13 -10.91 14.51
N ASP A 86 -0.45 -10.27 15.64
CA ASP A 86 -1.83 -10.16 16.09
C ASP A 86 -2.51 -9.01 15.34
N ASP A 87 -2.13 -8.83 14.09
CA ASP A 87 -2.64 -7.79 13.22
C ASP A 87 -3.96 -8.21 12.61
N ALA A 88 -4.49 -7.33 11.76
CA ALA A 88 -5.59 -7.69 10.89
C ALA A 88 -5.04 -8.57 9.76
N GLU A 89 -3.82 -8.27 9.35
CA GLU A 89 -3.15 -9.04 8.30
C GLU A 89 -2.75 -10.42 8.79
N GLY A 90 -2.39 -10.52 10.07
CA GLY A 90 -2.09 -11.81 10.66
C GLY A 90 -3.27 -12.73 10.57
N ARG A 91 -4.46 -12.19 10.84
CA ARG A 91 -5.67 -12.97 10.80
C ARG A 91 -6.13 -13.22 9.37
N LEU A 92 -5.73 -12.33 8.45
CA LEU A 92 -6.02 -12.53 7.04
C LEU A 92 -5.37 -13.81 6.57
N ILE A 93 -4.05 -13.87 6.76
CA ILE A 93 -3.25 -15.08 6.56
C ILE A 93 -3.88 -16.30 7.20
N GLN A 94 -4.29 -16.14 8.47
CA GLN A 94 -4.75 -17.25 9.29
C GLN A 94 -5.85 -18.06 8.64
N ASP A 95 -6.95 -17.41 8.26
CA ASP A 95 -8.06 -18.12 7.67
C ASP A 95 -8.02 -18.07 6.14
N ALA A 96 -6.97 -17.47 5.59
CA ALA A 96 -6.68 -17.64 4.18
C ALA A 96 -6.08 -19.02 4.01
N TYR A 97 -5.29 -19.41 5.00
CA TYR A 97 -4.68 -20.73 5.03
C TYR A 97 -5.72 -21.77 5.40
N SER A 98 -6.77 -21.35 6.09
CA SER A 98 -7.86 -22.26 6.44
C SER A 98 -8.83 -22.38 5.27
N ALA A 99 -8.83 -21.38 4.41
CA ALA A 99 -9.64 -21.42 3.20
C ALA A 99 -9.13 -22.58 2.35
N ALA A 100 -7.83 -22.62 2.12
CA ALA A 100 -7.20 -23.78 1.54
C ALA A 100 -6.99 -24.83 2.63
N GLY A 101 -6.51 -26.00 2.27
CA GLY A 101 -6.34 -27.08 3.24
C GLY A 101 -4.97 -27.10 3.84
N ILE A 102 -4.45 -25.94 4.19
CA ILE A 102 -3.03 -25.81 4.54
C ILE A 102 -2.76 -25.56 6.03
N PRO A 103 -2.12 -26.54 6.69
CA PRO A 103 -1.73 -26.42 8.09
C PRO A 103 -0.78 -25.26 8.30
N ILE A 104 -1.10 -24.36 9.23
CA ILE A 104 -0.20 -23.30 9.59
C ILE A 104 0.06 -23.34 11.09
N THR A 105 1.33 -23.22 11.46
CA THR A 105 1.71 -23.17 12.85
C THR A 105 2.42 -21.86 13.08
N PHE A 106 1.91 -21.05 14.00
CA PHE A 106 2.44 -19.72 14.14
C PHE A 106 2.57 -19.30 15.58
N VAL A 107 3.43 -18.32 15.81
CA VAL A 107 3.43 -17.61 17.07
C VAL A 107 3.24 -16.15 16.70
N THR A 108 2.59 -15.39 17.56
CA THR A 108 2.33 -14.00 17.26
C THR A 108 3.36 -13.13 17.92
N HIS A 109 3.84 -12.12 17.19
CA HIS A 109 4.75 -11.15 17.76
C HIS A 109 4.04 -9.81 17.87
N ILE A 110 4.37 -9.05 18.92
CA ILE A 110 3.78 -7.75 19.15
C ILE A 110 3.98 -6.81 17.97
N SER A 111 5.14 -6.91 17.34
CA SER A 111 5.53 -5.99 16.26
C SER A 111 4.68 -6.21 15.02
N GLY A 112 4.01 -7.36 14.98
CA GLY A 112 3.04 -7.62 13.93
C GLY A 112 3.53 -8.33 12.69
N THR A 113 2.57 -8.64 11.83
CA THR A 113 2.80 -9.40 10.61
C THR A 113 3.69 -8.68 9.63
N ARG A 114 4.61 -9.40 9.01
CA ARG A 114 5.45 -8.83 7.98
C ARG A 114 4.56 -8.42 6.83
N ARG A 115 4.92 -7.35 6.16
CA ARG A 115 4.18 -6.95 4.97
C ARG A 115 5.10 -6.18 4.05
N SER A 116 4.65 -5.95 2.82
CA SER A 116 5.45 -5.21 1.85
C SER A 116 4.62 -4.48 0.80
N VAL A 117 5.16 -3.36 0.32
CA VAL A 117 4.56 -2.65 -0.80
C VAL A 117 5.42 -2.89 -2.05
N ASN A 118 4.84 -3.61 -3.02
CA ASN A 118 5.54 -3.95 -4.24
C ASN A 118 5.09 -3.12 -5.44
N LEU A 119 6.03 -2.42 -6.06
CA LEU A 119 5.74 -1.65 -7.27
C LEU A 119 6.01 -2.48 -8.52
N VAL A 120 5.02 -2.57 -9.39
CA VAL A 120 5.13 -3.39 -10.59
C VAL A 120 4.79 -2.55 -11.81
N THR A 121 5.58 -2.70 -12.87
CA THR A 121 5.30 -1.98 -14.11
C THR A 121 4.44 -2.86 -15.02
N GLU A 122 3.93 -2.29 -16.09
CA GLU A 122 3.09 -3.03 -17.02
C GLU A 122 3.89 -3.88 -17.99
N GLU A 123 5.21 -3.84 -17.86
CA GLU A 123 6.07 -4.63 -18.73
C GLU A 123 6.78 -5.71 -17.91
N GLY A 124 6.82 -5.53 -16.59
CA GLY A 124 7.33 -6.57 -15.71
C GLY A 124 8.28 -6.17 -14.59
N GLN A 125 8.95 -5.04 -14.73
CA GLN A 125 9.87 -4.53 -13.68
C GLN A 125 9.25 -4.55 -12.28
N ARG A 126 10.01 -5.06 -11.30
CA ARG A 126 9.52 -5.14 -9.92
C ARG A 126 10.48 -4.50 -8.93
N MET A 127 9.95 -3.66 -8.06
CA MET A 127 10.69 -3.17 -6.90
C MET A 127 9.91 -3.49 -5.63
N SER A 128 10.59 -4.01 -4.62
CA SER A 128 9.93 -4.42 -3.39
C SER A 128 10.34 -3.58 -2.19
N LEU A 129 9.35 -2.95 -1.54
CA LEU A 129 9.59 -2.16 -0.35
C LEU A 129 9.20 -2.98 0.86
N TYR A 130 10.21 -3.63 1.46
CA TYR A 130 10.03 -4.76 2.37
C TYR A 130 10.05 -4.38 3.84
N ASP A 131 9.10 -4.90 4.60
CA ASP A 131 9.03 -4.59 6.02
C ASP A 131 9.09 -5.88 6.87
N PRO A 132 10.31 -6.27 7.28
CA PRO A 132 10.54 -7.48 8.06
C PRO A 132 9.86 -7.38 9.41
N ARG A 133 9.89 -6.19 9.98
CA ARG A 133 9.06 -5.82 11.11
C ARG A 133 9.41 -6.52 12.43
N HIS A 134 9.93 -7.74 12.36
CA HIS A 134 10.31 -8.44 13.57
C HIS A 134 11.70 -8.04 14.01
N PRO A 135 11.90 -7.91 15.33
CA PRO A 135 13.25 -7.74 15.87
C PRO A 135 14.23 -8.73 15.23
N PHE A 136 15.30 -8.20 14.66
CA PHE A 136 16.34 -9.01 14.03
C PHE A 136 16.87 -10.10 14.95
N GLU A 137 16.94 -9.79 16.25
CA GLU A 137 17.50 -10.71 17.24
C GLU A 137 16.47 -11.65 17.84
N PHE A 138 15.27 -11.67 17.29
CA PHE A 138 14.18 -12.43 17.86
C PHE A 138 14.16 -13.90 17.45
N ILE A 139 14.03 -14.78 18.43
CA ILE A 139 13.94 -16.22 18.17
C ILE A 139 12.72 -16.80 18.84
N PRO A 140 11.81 -17.38 18.05
CA PRO A 140 10.61 -18.07 18.53
C PRO A 140 10.96 -19.40 19.19
N ASP A 141 10.02 -19.98 19.93
CA ASP A 141 10.24 -21.28 20.57
C ASP A 141 10.48 -22.33 19.50
N PRO A 142 11.68 -22.93 19.49
CA PRO A 142 12.13 -23.91 18.49
C PRO A 142 11.09 -24.97 18.18
N SER A 143 10.17 -25.19 19.13
CA SER A 143 9.06 -26.10 18.93
C SER A 143 8.20 -25.66 17.76
N LEU A 144 8.31 -24.39 17.42
CA LEU A 144 7.65 -23.85 16.23
C LEU A 144 7.96 -24.69 15.00
N TRP A 145 9.25 -24.95 14.77
CA TRP A 145 9.63 -25.69 13.57
C TRP A 145 9.98 -27.14 13.88
N ARG A 146 10.32 -27.43 15.12
CA ARG A 146 10.80 -28.76 15.47
C ARG A 146 9.69 -29.81 15.37
N GLU A 147 8.47 -29.43 15.71
CA GLU A 147 7.34 -30.35 15.55
C GLU A 147 7.02 -30.60 14.08
N GLY A 148 7.12 -29.54 13.28
CA GLY A 148 6.94 -29.67 11.85
C GLY A 148 7.93 -30.68 11.27
N ILE A 149 9.19 -30.51 11.63
CA ILE A 149 10.29 -31.35 11.16
C ILE A 149 10.07 -32.85 11.39
N GLU A 150 9.43 -33.19 12.51
CA GLU A 150 9.17 -34.60 12.83
C GLU A 150 8.15 -35.21 11.88
N ARG A 151 7.26 -34.38 11.35
CA ARG A 151 6.17 -34.83 10.51
C ARG A 151 6.36 -34.50 9.03
N SER A 152 7.58 -34.20 8.60
CA SER A 152 7.82 -33.75 7.23
C SER A 152 8.95 -34.47 6.52
N ARG A 153 8.79 -34.70 5.22
CA ARG A 153 9.82 -35.33 4.42
C ARG A 153 10.90 -34.33 4.07
N HIS A 154 10.47 -33.17 3.58
CA HIS A 154 11.38 -32.12 3.14
C HIS A 154 11.09 -30.82 3.87
N VAL A 155 12.12 -29.99 4.03
CA VAL A 155 11.96 -28.70 4.68
C VAL A 155 12.51 -27.57 3.81
N HIS A 156 11.64 -26.62 3.44
CA HIS A 156 12.13 -25.44 2.76
C HIS A 156 12.23 -24.28 3.74
N VAL A 157 13.47 -23.83 3.96
CA VAL A 157 13.72 -22.77 4.91
C VAL A 157 13.83 -21.43 4.20
N SER A 158 12.93 -20.51 4.54
CA SER A 158 12.97 -19.15 3.98
C SER A 158 13.89 -18.27 4.82
N ILE A 159 14.60 -17.34 4.19
CA ILE A 159 15.66 -16.63 4.89
C ILE A 159 15.19 -15.56 5.87
N MET A 160 14.26 -15.92 6.74
CA MET A 160 14.01 -15.14 7.96
C MET A 160 15.20 -15.39 8.86
N ASN A 161 15.61 -14.39 9.63
CA ASN A 161 16.83 -14.50 10.43
C ASN A 161 16.85 -15.71 11.35
N TRP A 162 15.76 -15.92 12.08
CA TRP A 162 15.68 -17.03 13.03
C TRP A 162 15.61 -18.38 12.34
N ALA A 163 15.13 -18.40 11.10
CA ALA A 163 14.93 -19.67 10.39
C ALA A 163 16.20 -20.50 10.19
N ARG A 164 17.36 -19.87 10.32
CA ARG A 164 18.65 -20.57 10.20
C ARG A 164 18.76 -21.77 11.13
N TYR A 165 18.18 -21.67 12.32
CA TYR A 165 18.31 -22.73 13.32
C TYR A 165 17.31 -23.84 13.02
N ALA A 166 16.25 -23.48 12.31
CA ALA A 166 15.34 -24.49 11.80
C ALA A 166 16.11 -25.36 10.80
N LEU A 167 16.87 -24.71 9.92
CA LEU A 167 17.70 -25.43 8.96
C LEU A 167 18.69 -26.32 9.69
N ARG A 168 19.34 -25.74 10.71
CA ARG A 168 20.25 -26.49 11.59
C ARG A 168 19.61 -27.75 12.13
N ASP A 169 18.41 -27.59 12.68
CA ASP A 169 17.66 -28.69 13.23
C ASP A 169 17.26 -29.70 12.14
N ALA A 170 16.76 -29.18 11.03
CA ALA A 170 16.28 -30.01 9.93
C ALA A 170 17.35 -30.92 9.37
N VAL A 171 18.55 -30.37 9.17
CA VAL A 171 19.65 -31.16 8.66
C VAL A 171 20.02 -32.23 9.68
N ALA A 172 20.07 -31.81 10.95
CA ALA A 172 20.40 -32.71 12.05
C ALA A 172 19.36 -33.80 12.20
N ALA A 173 18.14 -33.53 11.74
CA ALA A 173 17.07 -34.52 11.77
C ALA A 173 17.06 -35.34 10.49
N GLY A 174 18.09 -35.14 9.66
CA GLY A 174 18.26 -35.90 8.43
C GLY A 174 17.15 -35.73 7.42
N ARG A 175 16.55 -34.55 7.40
CA ARG A 175 15.58 -34.22 6.37
C ARG A 175 16.29 -33.57 5.20
N SER A 176 15.75 -33.76 4.00
CA SER A 176 16.26 -33.03 2.86
C SER A 176 15.91 -31.57 3.08
N THR A 177 16.80 -30.67 2.70
CA THR A 177 16.59 -29.26 2.99
C THR A 177 16.77 -28.38 1.76
N SER A 178 16.08 -27.26 1.77
CA SER A 178 16.17 -26.29 0.68
C SER A 178 16.03 -24.88 1.22
N THR A 179 16.53 -23.92 0.45
CA THR A 179 16.37 -22.51 0.80
C THR A 179 16.38 -21.62 -0.45
N ASP A 180 15.81 -20.43 -0.32
CA ASP A 180 15.82 -19.44 -1.40
C ASP A 180 16.54 -18.19 -0.92
N LEU A 181 17.69 -17.90 -1.53
CA LEU A 181 18.53 -16.76 -1.14
C LEU A 181 18.09 -15.47 -1.81
N HIS A 182 17.23 -15.60 -2.81
CA HIS A 182 16.68 -14.45 -3.52
C HIS A 182 17.79 -13.58 -4.15
N ASP A 183 17.73 -12.27 -3.95
CA ASP A 183 18.66 -11.37 -4.66
C ASP A 183 20.13 -11.43 -4.22
N TRP A 184 20.37 -11.74 -2.95
CA TRP A 184 21.72 -11.90 -2.34
C TRP A 184 22.99 -11.48 -3.09
N ASP A 185 23.81 -10.68 -2.43
CA ASP A 185 25.07 -10.18 -2.97
C ASP A 185 26.02 -11.26 -3.50
N GLY A 186 26.09 -12.37 -2.77
CA GLY A 186 27.07 -13.38 -3.04
C GLY A 186 28.25 -13.05 -2.15
N VAL A 187 28.11 -11.96 -1.40
CA VAL A 187 29.16 -11.45 -0.52
C VAL A 187 28.73 -11.35 0.94
N ALA A 188 27.47 -10.94 1.14
CA ALA A 188 26.92 -10.69 2.47
C ALA A 188 26.95 -11.91 3.36
N ASP A 189 27.16 -11.70 4.66
CA ASP A 189 27.28 -12.80 5.61
C ASP A 189 25.93 -13.31 6.12
N TYR A 190 24.87 -12.52 5.91
CA TYR A 190 23.55 -12.89 6.42
C TYR A 190 23.03 -14.19 5.82
N HIS A 191 23.02 -14.24 4.49
CA HIS A 191 22.45 -15.37 3.76
C HIS A 191 23.30 -16.63 3.90
N LYS A 192 24.57 -16.43 4.23
CA LYS A 192 25.58 -17.48 4.17
C LYS A 192 25.18 -18.79 4.85
N ASP A 193 24.59 -18.72 6.04
CA ASP A 193 24.20 -19.93 6.75
C ASP A 193 23.26 -20.80 5.92
N PHE A 194 22.34 -20.15 5.20
CA PHE A 194 21.40 -20.85 4.35
C PHE A 194 22.09 -21.42 3.14
N ALA A 195 22.94 -20.61 2.52
CA ALA A 195 23.67 -21.01 1.33
C ALA A 195 24.50 -22.27 1.57
N TYR A 196 25.13 -22.34 2.74
CA TYR A 196 26.03 -23.43 3.04
C TYR A 196 25.32 -24.57 3.74
N GLY A 197 24.13 -24.31 4.26
CA GLY A 197 23.47 -25.28 5.12
C GLY A 197 22.40 -26.16 4.49
N ALA A 198 21.94 -25.81 3.29
CA ALA A 198 20.81 -26.50 2.70
C ALA A 198 21.23 -27.43 1.56
N ASP A 199 20.47 -28.49 1.35
CA ASP A 199 20.76 -29.46 0.30
C ASP A 199 20.56 -28.86 -1.10
N TYR A 200 19.41 -28.23 -1.32
CA TYR A 200 19.11 -27.62 -2.62
C TYR A 200 19.04 -26.11 -2.51
N VAL A 201 19.96 -25.42 -3.16
CA VAL A 201 20.05 -23.98 -2.98
C VAL A 201 19.57 -23.17 -4.19
N PHE A 202 18.58 -22.32 -3.94
CA PHE A 202 18.00 -21.45 -4.95
C PHE A 202 18.36 -20.00 -4.70
N VAL A 203 18.75 -19.29 -5.75
CA VAL A 203 19.15 -17.89 -5.64
C VAL A 203 18.89 -17.14 -6.95
N SER A 204 18.49 -15.88 -6.84
CA SER A 204 18.27 -15.06 -8.04
C SER A 204 19.57 -14.43 -8.52
N ALA A 205 19.79 -14.47 -9.83
CA ALA A 205 20.99 -13.93 -10.47
C ALA A 205 21.07 -12.42 -10.39
N ALA A 206 20.01 -11.81 -9.87
CA ALA A 206 19.83 -10.35 -9.83
C ALA A 206 21.05 -9.55 -9.36
N ALA A 207 21.54 -9.84 -8.15
CA ALA A 207 22.62 -9.04 -7.57
C ALA A 207 23.95 -9.79 -7.51
N LEU A 208 24.03 -10.92 -8.22
CA LEU A 208 25.26 -11.71 -8.24
C LEU A 208 26.35 -11.11 -9.13
N ARG A 209 27.47 -10.78 -8.50
CA ARG A 209 28.60 -10.19 -9.18
C ARG A 209 29.36 -11.26 -9.95
N ASP A 210 29.83 -12.27 -9.22
CA ASP A 210 30.57 -13.37 -9.82
C ASP A 210 29.88 -14.70 -9.56
N GLU A 211 28.80 -14.94 -10.30
CA GLU A 211 28.00 -16.16 -10.15
C GLU A 211 28.87 -17.41 -10.12
N SER A 212 29.75 -17.52 -11.12
CA SER A 212 30.75 -18.57 -11.15
C SER A 212 31.43 -18.75 -9.80
N GLY A 213 32.05 -17.67 -9.33
CA GLY A 213 32.76 -17.69 -8.07
C GLY A 213 31.89 -17.95 -6.86
N VAL A 214 30.69 -17.38 -6.86
CA VAL A 214 29.75 -17.54 -5.75
C VAL A 214 29.34 -19.01 -5.62
N VAL A 215 28.91 -19.59 -6.74
CA VAL A 215 28.56 -20.99 -6.81
C VAL A 215 29.70 -21.88 -6.30
N ALA A 216 30.86 -21.73 -6.93
CA ALA A 216 32.06 -22.48 -6.56
C ALA A 216 32.32 -22.47 -5.06
N ASP A 217 32.18 -21.30 -4.45
CA ASP A 217 32.36 -21.15 -3.02
C ASP A 217 31.35 -21.98 -2.23
N VAL A 218 30.06 -21.80 -2.55
CA VAL A 218 28.98 -22.55 -1.93
C VAL A 218 29.25 -24.06 -1.93
N PHE A 219 29.65 -24.57 -3.09
CA PHE A 219 30.05 -25.97 -3.23
C PHE A 219 31.21 -26.33 -2.32
N ALA A 220 32.17 -25.42 -2.23
CA ALA A 220 33.36 -25.62 -1.43
C ALA A 220 33.06 -25.54 0.07
N ARG A 221 32.37 -24.50 0.49
CA ARG A 221 32.16 -24.25 1.91
C ARG A 221 30.83 -24.79 2.47
N GLY A 222 29.96 -25.29 1.60
CA GLY A 222 28.65 -25.76 2.04
C GLY A 222 28.28 -27.16 1.60
N ARG A 223 27.14 -27.63 2.10
CA ARG A 223 26.64 -28.95 1.76
C ARG A 223 25.62 -28.86 0.64
N ALA A 224 25.74 -27.80 -0.16
CA ALA A 224 24.93 -27.64 -1.34
C ALA A 224 25.15 -28.79 -2.30
N GLN A 225 24.08 -29.52 -2.56
CA GLN A 225 24.11 -30.67 -3.42
C GLN A 225 24.04 -30.22 -4.88
N PHE A 226 23.25 -29.19 -5.16
CA PHE A 226 23.34 -28.45 -6.42
C PHE A 226 22.83 -27.02 -6.21
N VAL A 227 23.15 -26.12 -7.14
CA VAL A 227 22.69 -24.74 -7.02
C VAL A 227 21.91 -24.28 -8.24
N VAL A 228 20.67 -23.87 -8.00
CA VAL A 228 19.80 -23.42 -9.08
C VAL A 228 19.64 -21.92 -9.08
N VAL A 229 20.22 -21.26 -10.08
CA VAL A 229 20.12 -19.81 -10.20
C VAL A 229 18.96 -19.41 -11.09
N MET A 230 18.02 -18.64 -10.54
CA MET A 230 16.88 -18.16 -11.31
C MET A 230 17.17 -16.78 -11.84
N ALA A 231 16.94 -16.59 -13.14
CA ALA A 231 17.28 -15.33 -13.79
C ALA A 231 16.13 -14.79 -14.63
N GLY A 232 14.96 -14.66 -14.01
CA GLY A 232 13.79 -14.05 -14.62
C GLY A 232 13.46 -14.48 -16.04
N SER A 233 13.37 -13.51 -16.94
CA SER A 233 12.96 -13.77 -18.32
C SER A 233 13.97 -14.59 -19.13
N GLU A 234 15.21 -14.72 -18.65
CA GLU A 234 16.20 -15.48 -19.41
C GLU A 234 16.30 -16.91 -18.87
N GLY A 235 15.39 -17.26 -17.97
CA GLY A 235 15.25 -18.62 -17.50
C GLY A 235 15.96 -18.96 -16.21
N ALA A 236 16.74 -20.02 -16.22
CA ALA A 236 17.40 -20.48 -15.02
C ALA A 236 18.65 -21.31 -15.31
N ARG A 237 19.60 -21.26 -14.38
CA ARG A 237 20.89 -21.94 -14.49
C ARG A 237 21.13 -22.94 -13.37
N VAL A 238 21.48 -24.16 -13.74
CA VAL A 238 21.69 -25.22 -12.75
C VAL A 238 23.15 -25.63 -12.66
N TRP A 239 23.71 -25.49 -11.46
CA TRP A 239 25.11 -25.77 -11.22
C TRP A 239 25.28 -27.07 -10.46
N ARG A 240 26.25 -27.87 -10.89
CA ARG A 240 26.60 -29.11 -10.22
C ARG A 240 28.09 -29.14 -9.89
N ARG A 241 28.45 -29.90 -8.86
CA ARG A 241 29.86 -30.07 -8.50
C ARG A 241 30.61 -30.71 -9.66
N SER A 242 29.90 -31.58 -10.37
CA SER A 242 30.48 -32.42 -11.42
C SER A 242 30.75 -31.59 -12.65
N ASP A 243 29.85 -30.68 -12.97
CA ASP A 243 30.01 -29.84 -14.15
C ASP A 243 30.56 -28.45 -13.84
N GLU A 244 31.57 -28.06 -14.60
CA GLU A 244 32.25 -26.80 -14.41
C GLU A 244 31.42 -25.69 -15.02
N LEU A 245 30.42 -26.08 -15.81
CA LEU A 245 29.53 -25.13 -16.46
C LEU A 245 28.07 -25.40 -16.10
N PRO A 246 27.25 -24.34 -16.04
CA PRO A 246 25.84 -24.44 -15.66
C PRO A 246 24.97 -25.00 -16.77
N LEU A 247 24.02 -25.88 -16.42
CA LEU A 247 23.04 -26.32 -17.40
C LEU A 247 22.00 -25.22 -17.54
N ARG A 248 21.69 -24.85 -18.78
CA ARG A 248 20.83 -23.69 -19.00
C ARG A 248 19.40 -24.14 -19.25
N ILE A 249 18.49 -23.66 -18.40
CA ILE A 249 17.10 -24.01 -18.54
C ILE A 249 16.31 -22.82 -19.08
N SER A 250 15.95 -22.90 -20.35
CA SER A 250 15.23 -21.82 -21.04
C SER A 250 13.85 -21.59 -20.44
N PRO A 251 13.44 -20.32 -20.37
CA PRO A 251 12.12 -19.89 -19.88
C PRO A 251 10.99 -20.40 -20.77
N ILE A 252 9.87 -20.76 -20.14
CA ILE A 252 8.79 -21.35 -20.90
C ILE A 252 7.74 -20.30 -21.24
N SER A 253 7.37 -20.26 -22.52
CA SER A 253 6.26 -19.45 -22.96
C SER A 253 5.04 -20.36 -23.02
N ILE A 254 3.97 -19.95 -22.35
CA ILE A 254 2.76 -20.74 -22.28
C ILE A 254 1.82 -20.35 -23.40
N PRO A 255 1.33 -21.35 -24.16
CA PRO A 255 0.40 -21.01 -25.24
C PRO A 255 -0.92 -20.49 -24.67
N GLY A 256 -1.12 -19.18 -24.79
CA GLY A 256 -2.33 -18.55 -24.29
C GLY A 256 -2.13 -17.69 -23.05
N ARG A 257 -0.94 -17.74 -22.47
CA ARG A 257 -0.72 -17.08 -21.17
C ARG A 257 0.50 -16.18 -21.16
N PRO A 258 0.25 -14.87 -21.32
CA PRO A 258 1.29 -13.82 -21.36
C PRO A 258 1.72 -13.35 -19.98
N VAL A 259 2.91 -12.78 -19.89
CA VAL A 259 3.49 -12.32 -18.63
C VAL A 259 2.81 -11.06 -18.10
N VAL A 260 2.47 -11.06 -16.83
CA VAL A 260 1.79 -9.92 -16.21
C VAL A 260 2.51 -9.46 -14.94
N ASP A 261 2.88 -10.41 -14.09
CA ASP A 261 3.54 -10.07 -12.82
C ASP A 261 4.50 -11.17 -12.38
N SER A 262 5.80 -10.88 -12.44
CA SER A 262 6.82 -11.87 -12.08
C SER A 262 7.09 -11.89 -10.59
N ASN A 263 6.06 -11.61 -9.79
CA ASN A 263 6.18 -11.67 -8.34
C ASN A 263 5.55 -12.95 -7.83
N GLY A 264 6.36 -13.77 -7.18
CA GLY A 264 5.91 -15.06 -6.69
C GLY A 264 6.40 -16.12 -7.63
N ALA A 265 7.09 -15.69 -8.68
CA ALA A 265 7.58 -16.56 -9.73
C ALA A 265 8.65 -17.50 -9.20
N GLY A 266 9.59 -16.94 -8.43
CA GLY A 266 10.67 -17.70 -7.86
C GLY A 266 10.12 -18.78 -6.94
N ASP A 267 9.25 -18.37 -6.04
CA ASP A 267 8.58 -19.29 -5.13
C ASP A 267 7.81 -20.39 -5.88
N SER A 268 7.15 -20.02 -6.97
CA SER A 268 6.41 -20.99 -7.79
C SER A 268 7.37 -21.99 -8.42
N PHE A 269 8.47 -21.48 -8.98
CA PHE A 269 9.54 -22.30 -9.51
C PHE A 269 9.98 -23.33 -8.49
N VAL A 270 10.35 -22.83 -7.33
CA VAL A 270 10.81 -23.66 -6.23
C VAL A 270 9.78 -24.72 -5.89
N ALA A 271 8.52 -24.32 -5.83
CA ALA A 271 7.44 -25.24 -5.46
C ALA A 271 7.37 -26.41 -6.44
N ALA A 272 7.41 -26.10 -7.73
CA ALA A 272 7.32 -27.12 -8.76
C ALA A 272 8.53 -28.04 -8.73
N PHE A 273 9.71 -27.42 -8.68
CA PHE A 273 10.96 -28.15 -8.63
C PHE A 273 10.96 -29.18 -7.51
N LEU A 274 10.71 -28.71 -6.28
CA LEU A 274 10.72 -29.58 -5.11
C LEU A 274 9.77 -30.75 -5.34
N CYS A 275 8.53 -30.44 -5.73
CA CYS A 275 7.51 -31.46 -5.89
C CYS A 275 7.94 -32.51 -6.91
N HIS A 276 8.69 -32.06 -7.92
CA HIS A 276 9.15 -32.96 -8.96
C HIS A 276 10.33 -33.77 -8.46
N TYR A 277 11.27 -33.10 -7.81
CA TYR A 277 12.48 -33.75 -7.35
C TYR A 277 12.19 -34.74 -6.22
N LEU A 278 11.16 -34.45 -5.42
CA LEU A 278 10.78 -35.34 -4.34
C LEU A 278 10.29 -36.68 -4.88
N ASP A 279 9.70 -36.65 -6.07
CA ASP A 279 9.14 -37.85 -6.65
C ASP A 279 10.14 -38.61 -7.49
N HIS A 280 10.91 -37.89 -8.30
CA HIS A 280 11.72 -38.53 -9.33
C HIS A 280 13.23 -38.57 -9.08
N GLY A 281 13.79 -37.58 -8.40
CA GLY A 281 15.22 -37.61 -8.15
C GLY A 281 15.97 -37.12 -9.37
N ASP A 282 15.20 -36.77 -10.40
CA ASP A 282 15.72 -36.13 -11.62
C ASP A 282 15.91 -34.64 -11.38
N ILE A 283 17.13 -34.15 -11.48
CA ILE A 283 17.42 -32.76 -11.13
C ILE A 283 17.07 -31.83 -12.27
N PHE A 284 17.37 -32.24 -13.50
CA PHE A 284 17.06 -31.43 -14.66
C PHE A 284 15.58 -31.46 -14.97
N GLY A 285 14.96 -32.61 -14.71
CA GLY A 285 13.54 -32.77 -14.95
C GLY A 285 12.77 -31.82 -14.06
N ALA A 286 13.23 -31.71 -12.82
CA ALA A 286 12.64 -30.80 -11.87
C ALA A 286 12.89 -29.36 -12.27
N ALA A 287 14.09 -29.08 -12.78
CA ALA A 287 14.43 -27.73 -13.22
C ALA A 287 13.51 -27.32 -14.37
N ARG A 288 13.23 -28.27 -15.26
CA ARG A 288 12.31 -28.05 -16.36
C ARG A 288 10.91 -27.81 -15.79
N ALA A 289 10.56 -28.59 -14.79
CA ALA A 289 9.27 -28.50 -14.12
C ALA A 289 9.10 -27.15 -13.44
N GLY A 290 10.15 -26.69 -12.77
CA GLY A 290 10.17 -25.39 -12.14
C GLY A 290 10.05 -24.24 -13.13
N ALA A 291 10.60 -24.42 -14.33
CA ALA A 291 10.49 -23.38 -15.35
C ALA A 291 9.03 -23.17 -15.72
N VAL A 292 8.30 -24.28 -15.80
CA VAL A 292 6.85 -24.26 -15.88
C VAL A 292 6.39 -23.89 -14.46
N GLY A 293 5.20 -23.34 -14.30
CA GLY A 293 4.77 -22.98 -12.96
C GLY A 293 5.39 -21.67 -12.55
N GLY A 294 6.69 -21.53 -12.80
CA GLY A 294 7.34 -20.24 -12.67
C GLY A 294 6.75 -19.35 -13.75
N ALA A 295 6.61 -19.90 -14.94
CA ALA A 295 6.01 -19.21 -16.07
C ALA A 295 4.51 -19.02 -15.84
N TRP A 296 3.91 -19.99 -15.16
CA TRP A 296 2.48 -19.95 -14.87
C TRP A 296 2.15 -18.83 -13.89
N ALA A 297 3.04 -18.59 -12.93
CA ALA A 297 2.86 -17.52 -11.97
C ALA A 297 2.94 -16.13 -12.61
N CYS A 298 3.61 -16.06 -13.76
CA CYS A 298 3.72 -14.81 -14.51
C CYS A 298 2.45 -14.42 -15.27
N GLY A 299 1.62 -15.40 -15.61
CA GLY A 299 0.40 -15.11 -16.35
C GLY A 299 -0.65 -14.44 -15.49
N THR A 300 -0.44 -14.49 -14.18
CA THR A 300 -1.34 -13.84 -13.23
C THR A 300 -0.73 -12.59 -12.62
N LEU A 301 -1.57 -11.64 -12.24
CA LEU A 301 -1.13 -10.42 -11.59
C LEU A 301 -1.28 -10.58 -10.08
N GLY A 302 -0.33 -10.08 -9.30
CA GLY A 302 -0.42 -10.23 -7.87
C GLY A 302 0.36 -11.41 -7.32
N THR A 303 1.35 -11.13 -6.47
CA THR A 303 2.22 -12.19 -5.95
C THR A 303 1.40 -13.29 -5.27
N HIS A 304 1.56 -14.51 -5.78
CA HIS A 304 0.93 -15.71 -5.23
C HIS A 304 -0.58 -15.70 -5.35
N THR A 305 -1.08 -15.40 -6.55
CA THR A 305 -2.51 -15.44 -6.80
C THR A 305 -2.91 -16.65 -7.65
N SER A 306 -1.96 -17.20 -8.39
CA SER A 306 -2.24 -18.35 -9.26
C SER A 306 -1.09 -19.34 -9.34
N PHE A 307 -1.40 -20.61 -9.08
CA PHE A 307 -0.41 -21.67 -9.16
C PHE A 307 -0.86 -22.82 -10.06
N VAL A 308 0.12 -23.50 -10.66
CA VAL A 308 -0.15 -24.63 -11.56
C VAL A 308 -0.46 -25.91 -10.77
N ASP A 309 -1.39 -26.70 -11.28
CA ASP A 309 -1.74 -28.01 -10.74
C ASP A 309 -1.00 -29.15 -11.44
N VAL A 310 -1.27 -30.39 -11.02
CA VAL A 310 -0.63 -31.55 -11.63
C VAL A 310 -0.96 -31.73 -13.10
N GLU A 311 -2.26 -31.79 -13.41
CA GLU A 311 -2.73 -32.04 -14.77
C GLU A 311 -2.15 -31.01 -15.75
N THR A 312 -2.20 -29.74 -15.37
CA THR A 312 -1.66 -28.66 -16.20
C THR A 312 -0.16 -28.80 -16.41
N LEU A 313 0.53 -29.21 -15.34
CA LEU A 313 1.97 -29.41 -15.38
C LEU A 313 2.35 -30.47 -16.40
N GLU A 314 1.78 -31.66 -16.26
CA GLU A 314 2.11 -32.79 -17.13
C GLU A 314 1.81 -32.50 -18.61
N ARG A 315 0.75 -31.74 -18.88
CA ARG A 315 0.45 -31.36 -20.26
C ARG A 315 1.60 -30.53 -20.82
N LEU A 316 1.95 -29.49 -20.08
CA LEU A 316 3.00 -28.55 -20.48
C LEU A 316 4.40 -29.16 -20.42
N LEU A 317 4.58 -30.17 -19.58
CA LEU A 317 5.88 -30.85 -19.45
C LEU A 317 6.11 -31.82 -20.61
N ALA A 318 5.02 -32.23 -21.25
CA ALA A 318 5.15 -33.00 -22.48
C ALA A 318 5.61 -32.01 -23.54
N ARG A 319 5.35 -30.74 -23.27
CA ARG A 319 5.77 -29.64 -24.14
C ARG A 319 7.08 -29.02 -23.64
N LEU B 14 -26.85 -0.55 -2.09
CA LEU B 14 -26.93 0.80 -2.67
C LEU B 14 -28.14 1.59 -2.14
N VAL B 15 -28.37 1.52 -0.84
CA VAL B 15 -29.22 2.49 -0.16
C VAL B 15 -28.49 2.87 1.12
N PRO B 16 -28.25 4.18 1.31
CA PRO B 16 -27.37 4.73 2.34
C PRO B 16 -27.66 4.19 3.74
N ARG B 17 -26.60 3.92 4.50
CA ARG B 17 -26.74 3.53 5.89
C ARG B 17 -25.51 3.99 6.67
N GLY B 18 -25.60 3.93 7.99
CA GLY B 18 -24.50 4.33 8.85
C GLY B 18 -25.00 4.82 10.20
N SER B 19 -24.70 6.09 10.52
CA SER B 19 -25.14 6.68 11.75
C SER B 19 -25.19 8.20 11.61
N HIS B 20 -26.40 8.75 11.66
CA HIS B 20 -26.58 10.20 11.54
C HIS B 20 -27.94 10.60 12.08
N MET B 21 -27.94 11.47 13.09
CA MET B 21 -29.19 11.85 13.73
C MET B 21 -29.20 13.31 14.18
N THR B 22 -28.03 13.85 14.50
CA THR B 22 -28.00 15.18 15.09
C THR B 22 -27.65 16.25 14.06
N GLN B 23 -27.83 17.50 14.46
CA GLN B 23 -27.43 18.66 13.68
C GLN B 23 -25.90 18.69 13.62
N ALA B 24 -25.35 19.06 12.47
CA ALA B 24 -23.90 19.18 12.33
C ALA B 24 -23.48 20.54 11.79
N ASP B 25 -22.27 20.98 12.15
CA ASP B 25 -21.76 22.27 11.70
C ASP B 25 -21.22 22.15 10.28
N VAL B 26 -20.36 21.17 10.04
CA VAL B 26 -19.86 20.91 8.71
C VAL B 26 -20.15 19.49 8.24
N LEU B 27 -20.86 19.36 7.13
CA LEU B 27 -21.00 18.07 6.47
C LEU B 27 -19.96 17.95 5.37
N VAL B 28 -19.11 16.94 5.47
CA VAL B 28 -18.14 16.70 4.41
C VAL B 28 -18.69 15.61 3.50
N VAL B 29 -18.76 15.91 2.21
CA VAL B 29 -19.30 14.97 1.24
C VAL B 29 -18.18 14.35 0.43
N GLY B 30 -17.99 13.05 0.62
CA GLY B 30 -17.00 12.29 -0.11
C GLY B 30 -15.58 12.60 0.29
N GLY B 31 -14.67 11.69 -0.04
CA GLY B 31 -13.26 11.93 0.19
C GLY B 31 -12.66 11.18 1.36
N VAL B 32 -13.23 10.04 1.71
CA VAL B 32 -12.62 9.21 2.74
C VAL B 32 -12.07 7.90 2.16
N GLY B 33 -10.87 7.54 2.61
CA GLY B 33 -10.20 6.34 2.12
C GLY B 33 -9.12 5.88 3.08
N VAL B 34 -8.20 5.07 2.57
CA VAL B 34 -7.15 4.51 3.41
C VAL B 34 -5.75 4.72 2.82
N ASP B 35 -4.83 5.15 3.66
CA ASP B 35 -3.46 5.40 3.20
C ASP B 35 -2.51 4.33 3.71
N HIS B 36 -1.60 3.90 2.84
CA HIS B 36 -0.50 3.03 3.24
C HIS B 36 0.78 3.86 3.19
N ILE B 37 1.38 4.09 4.36
CA ILE B 37 2.50 5.02 4.45
C ILE B 37 3.83 4.31 4.52
N VAL B 38 4.66 4.54 3.51
CA VAL B 38 5.97 3.92 3.42
C VAL B 38 7.08 4.96 3.56
N ARG B 39 7.90 4.80 4.59
CA ARG B 39 9.01 5.71 4.85
C ARG B 39 10.25 5.31 4.05
N VAL B 40 10.73 6.22 3.21
CA VAL B 40 11.84 5.92 2.31
C VAL B 40 13.08 6.76 2.61
N LYS B 41 14.24 6.18 2.30
CA LYS B 41 15.51 6.84 2.55
C LYS B 41 15.55 8.20 1.84
N SER B 42 15.33 8.19 0.53
CA SER B 42 15.15 9.45 -0.21
C SER B 42 14.39 9.27 -1.51
N LEU B 43 13.92 10.41 -2.04
CA LEU B 43 13.20 10.51 -3.30
C LEU B 43 13.95 11.51 -4.14
N PRO B 44 14.24 11.17 -5.41
CA PRO B 44 13.77 10.12 -6.32
C PRO B 44 14.18 8.73 -5.90
N LEU B 45 13.28 7.77 -6.14
CA LEU B 45 13.50 6.41 -5.71
C LEU B 45 14.75 5.80 -6.33
N PRO B 46 15.55 5.12 -5.50
CA PRO B 46 16.75 4.36 -5.91
C PRO B 46 16.45 3.29 -6.94
N VAL B 47 17.52 2.77 -7.55
CA VAL B 47 17.39 1.74 -8.57
C VAL B 47 17.73 0.37 -7.99
N VAL B 48 16.71 -0.38 -7.58
CA VAL B 48 16.98 -1.65 -6.90
C VAL B 48 15.83 -2.63 -7.09
N ASP B 49 16.05 -3.88 -6.71
CA ASP B 49 15.02 -4.90 -6.80
C ASP B 49 14.32 -5.09 -5.47
N SER B 50 15.02 -4.74 -4.39
CA SER B 50 14.48 -4.85 -3.04
C SER B 50 15.24 -4.02 -2.01
N MET B 51 14.51 -3.21 -1.26
CA MET B 51 15.07 -2.42 -0.15
C MET B 51 14.12 -2.45 1.06
N MET B 52 14.66 -2.54 2.27
CA MET B 52 13.81 -2.62 3.46
C MET B 52 13.50 -1.27 4.10
N VAL B 53 12.24 -1.14 4.51
CA VAL B 53 11.73 0.10 5.08
C VAL B 53 11.15 -0.16 6.47
N PRO B 54 11.11 0.88 7.31
CA PRO B 54 10.45 0.79 8.62
C PRO B 54 8.96 0.52 8.47
N PRO B 55 8.31 0.03 9.54
CA PRO B 55 6.91 -0.38 9.57
C PRO B 55 5.99 0.45 8.67
N ILE B 56 5.20 -0.25 7.87
CA ILE B 56 4.27 0.42 6.98
C ILE B 56 2.91 0.45 7.65
N VAL B 57 2.55 1.62 8.17
CA VAL B 57 1.30 1.76 8.89
C VAL B 57 0.17 1.98 7.92
N THR B 58 -1.01 1.52 8.30
CA THR B 58 -2.20 1.68 7.49
C THR B 58 -3.25 2.49 8.24
N VAL B 59 -3.46 3.73 7.79
CA VAL B 59 -4.35 4.67 8.48
C VAL B 59 -5.47 5.20 7.58
N VAL B 60 -6.57 5.60 8.21
CA VAL B 60 -7.66 6.29 7.52
C VAL B 60 -7.25 7.70 7.08
N GLY B 61 -7.57 8.06 5.84
CA GLY B 61 -7.17 9.35 5.31
C GLY B 61 -7.99 9.84 4.13
N HIS B 62 -7.31 10.54 3.22
CA HIS B 62 -7.88 11.18 2.03
C HIS B 62 -8.63 12.46 2.37
N THR B 63 -8.78 13.31 1.36
CA THR B 63 -9.13 14.71 1.51
C THR B 63 -10.35 14.99 2.40
N GLY B 64 -11.47 14.33 2.12
CA GLY B 64 -12.69 14.53 2.89
C GLY B 64 -12.49 14.22 4.35
N ASN B 65 -11.82 13.10 4.62
CA ASN B 65 -11.53 12.67 5.98
C ASN B 65 -10.75 13.74 6.73
N GLY B 66 -9.85 14.41 6.01
CA GLY B 66 -9.06 15.47 6.62
C GLY B 66 -9.91 16.62 7.11
N VAL B 67 -10.80 17.11 6.27
CA VAL B 67 -11.64 18.23 6.64
C VAL B 67 -12.51 17.87 7.84
N ALA B 68 -13.18 16.72 7.75
CA ALA B 68 -14.06 16.28 8.82
C ALA B 68 -13.34 16.18 10.17
N LEU B 69 -12.18 15.52 10.17
CA LEU B 69 -11.40 15.38 11.39
C LEU B 69 -10.95 16.73 11.95
N GLY B 70 -10.39 17.58 11.10
CA GLY B 70 -9.94 18.90 11.52
C GLY B 70 -11.05 19.72 12.17
N VAL B 71 -12.22 19.71 11.55
CA VAL B 71 -13.40 20.36 12.11
C VAL B 71 -13.71 19.79 13.50
N HIS B 72 -13.75 18.46 13.59
CA HIS B 72 -14.07 17.78 14.84
C HIS B 72 -13.11 18.16 15.95
N ALA B 73 -11.83 18.23 15.59
CA ALA B 73 -10.77 18.58 16.53
C ALA B 73 -10.92 20.01 17.03
N LEU B 74 -11.67 20.82 16.30
CA LEU B 74 -11.85 22.21 16.64
C LEU B 74 -13.14 22.43 17.43
N GLY B 75 -13.64 21.37 18.05
CA GLY B 75 -14.80 21.45 18.91
C GLY B 75 -16.14 21.52 18.21
N ARG B 76 -16.13 21.64 16.89
CA ARG B 76 -17.37 21.67 16.13
C ARG B 76 -17.81 20.28 15.74
N ALA B 77 -19.00 20.20 15.16
CA ALA B 77 -19.61 18.93 14.79
C ALA B 77 -19.51 18.69 13.30
N SER B 78 -18.79 17.63 12.93
CA SER B 78 -18.66 17.23 11.53
C SER B 78 -19.48 15.97 11.25
N ALA B 79 -19.46 15.52 9.99
CA ALA B 79 -20.20 14.34 9.55
C ALA B 79 -19.77 13.93 8.16
N MET B 80 -19.78 12.62 7.89
CA MET B 80 -19.32 12.12 6.60
C MET B 80 -20.43 11.54 5.72
N ALA B 81 -20.30 11.79 4.42
CA ALA B 81 -21.12 11.11 3.42
C ALA B 81 -20.24 10.77 2.25
N ASP B 82 -19.98 9.48 2.07
CA ASP B 82 -19.09 9.03 1.02
C ASP B 82 -19.47 7.64 0.53
N VAL B 83 -18.78 7.22 -0.53
CA VAL B 83 -18.84 5.85 -1.00
C VAL B 83 -17.62 5.09 -0.50
N ILE B 84 -17.84 4.10 0.34
CA ILE B 84 -16.75 3.22 0.76
C ILE B 84 -17.02 1.82 0.22
N GLY B 85 -16.11 0.91 0.48
CA GLY B 85 -16.27 -0.45 0.00
C GLY B 85 -16.75 -1.35 1.11
N ASP B 86 -17.20 -2.54 0.73
CA ASP B 86 -17.45 -3.61 1.70
C ASP B 86 -16.11 -4.26 2.06
N ASP B 87 -15.07 -3.44 2.10
CA ASP B 87 -13.72 -3.88 2.36
C ASP B 87 -13.40 -4.06 3.83
N ALA B 88 -12.18 -4.51 4.09
CA ALA B 88 -11.62 -4.48 5.43
C ALA B 88 -11.21 -3.05 5.72
N GLU B 89 -10.73 -2.38 4.68
CA GLU B 89 -10.33 -0.99 4.78
C GLU B 89 -11.59 -0.12 4.93
N GLY B 90 -12.66 -0.55 4.27
CA GLY B 90 -13.96 0.10 4.44
C GLY B 90 -14.43 0.03 5.88
N ARG B 91 -14.25 -1.13 6.50
CA ARG B 91 -14.65 -1.32 7.88
C ARG B 91 -13.65 -0.66 8.82
N LEU B 92 -12.42 -0.51 8.36
CA LEU B 92 -11.40 0.21 9.14
C LEU B 92 -11.84 1.64 9.37
N ILE B 93 -12.10 2.33 8.27
CA ILE B 93 -12.71 3.66 8.27
C ILE B 93 -13.92 3.76 9.19
N GLN B 94 -14.83 2.78 9.05
CA GLN B 94 -16.12 2.79 9.74
C GLN B 94 -16.01 2.92 11.25
N ASP B 95 -15.21 2.07 11.90
CA ASP B 95 -15.09 2.14 13.36
C ASP B 95 -13.93 3.02 13.79
N ALA B 96 -13.24 3.62 12.82
CA ALA B 96 -12.32 4.71 13.11
C ALA B 96 -13.12 5.96 13.40
N TYR B 97 -14.22 6.09 12.64
CA TYR B 97 -15.14 7.20 12.77
C TYR B 97 -16.06 7.07 13.99
N SER B 98 -16.25 5.85 14.46
CA SER B 98 -17.04 5.60 15.66
C SER B 98 -16.17 5.75 16.90
N ALA B 99 -14.86 5.57 16.73
CA ALA B 99 -13.92 5.79 17.81
C ALA B 99 -13.99 7.26 18.21
N ALA B 100 -13.87 8.13 17.22
CA ALA B 100 -14.16 9.55 17.42
C ALA B 100 -15.67 9.71 17.37
N GLY B 101 -16.17 10.91 17.62
CA GLY B 101 -17.61 11.10 17.66
C GLY B 101 -18.22 11.53 16.34
N ILE B 102 -17.78 10.93 15.24
CA ILE B 102 -18.14 11.44 13.93
C ILE B 102 -19.07 10.53 13.14
N PRO B 103 -20.29 11.03 12.86
CA PRO B 103 -21.32 10.38 12.05
C PRO B 103 -20.87 10.11 10.61
N ILE B 104 -21.03 8.88 10.15
CA ILE B 104 -20.76 8.58 8.75
C ILE B 104 -21.97 7.91 8.08
N THR B 105 -22.30 8.41 6.90
CA THR B 105 -23.40 7.87 6.10
C THR B 105 -22.87 7.47 4.74
N PHE B 106 -23.04 6.20 4.37
CA PHE B 106 -22.38 5.70 3.17
C PHE B 106 -23.18 4.71 2.34
N VAL B 107 -22.74 4.54 1.10
CA VAL B 107 -23.17 3.44 0.25
C VAL B 107 -21.93 2.62 -0.15
N THR B 108 -22.10 1.32 -0.33
CA THR B 108 -20.97 0.45 -0.68
C THR B 108 -20.94 0.13 -2.15
N HIS B 109 -19.76 0.19 -2.73
CA HIS B 109 -19.56 -0.21 -4.12
C HIS B 109 -18.71 -1.47 -4.19
N ILE B 110 -18.99 -2.31 -5.18
CA ILE B 110 -18.25 -3.55 -5.40
C ILE B 110 -16.75 -3.30 -5.56
N SER B 111 -16.41 -2.18 -6.18
CA SER B 111 -15.03 -1.85 -6.50
C SER B 111 -14.20 -1.56 -5.25
N GLY B 112 -14.88 -1.28 -4.15
CA GLY B 112 -14.21 -1.14 -2.87
C GLY B 112 -13.74 0.25 -2.46
N THR B 113 -13.26 0.35 -1.23
CA THR B 113 -12.83 1.61 -0.63
C THR B 113 -11.60 2.21 -1.33
N ARG B 114 -11.58 3.52 -1.44
CA ARG B 114 -10.42 4.22 -2.00
C ARG B 114 -9.19 3.96 -1.14
N ARG B 115 -8.03 4.01 -1.77
CA ARG B 115 -6.77 3.81 -1.08
C ARG B 115 -5.68 4.68 -1.68
N SER B 116 -4.56 4.77 -0.98
CA SER B 116 -3.42 5.49 -1.48
C SER B 116 -2.17 4.93 -0.86
N VAL B 117 -1.09 4.91 -1.63
CA VAL B 117 0.21 4.57 -1.09
C VAL B 117 1.05 5.84 -1.05
N ASN B 118 1.39 6.28 0.15
CA ASN B 118 2.18 7.49 0.29
C ASN B 118 3.63 7.15 0.61
N LEU B 119 4.54 7.62 -0.24
CA LEU B 119 5.96 7.51 0.04
C LEU B 119 6.43 8.78 0.74
N VAL B 120 7.05 8.62 1.90
CA VAL B 120 7.47 9.76 2.69
C VAL B 120 8.95 9.67 3.06
N THR B 121 9.65 10.79 2.97
CA THR B 121 11.07 10.86 3.31
C THR B 121 11.29 11.22 4.77
N GLU B 122 12.54 11.15 5.21
CA GLU B 122 12.92 11.61 6.53
C GLU B 122 13.10 13.11 6.43
N GLU B 123 12.82 13.65 5.25
CA GLU B 123 12.95 15.07 5.00
C GLU B 123 11.59 15.73 4.84
N GLY B 124 10.58 14.97 4.44
CA GLY B 124 9.23 15.50 4.41
C GLY B 124 8.57 15.27 3.07
N GLN B 125 9.43 15.12 2.05
CA GLN B 125 9.02 14.87 0.68
C GLN B 125 7.97 13.76 0.57
N ARG B 126 6.92 14.04 -0.21
CA ARG B 126 5.82 13.09 -0.37
C ARG B 126 5.48 12.79 -1.82
N MET B 127 5.33 11.50 -2.12
CA MET B 127 4.71 11.08 -3.37
C MET B 127 3.48 10.22 -3.03
N SER B 128 2.37 10.51 -3.71
CA SER B 128 1.14 9.80 -3.44
C SER B 128 0.69 9.00 -4.65
N LEU B 129 0.53 7.71 -4.45
CA LEU B 129 0.02 6.83 -5.49
C LEU B 129 -1.45 6.55 -5.19
N TYR B 130 -2.31 7.30 -5.87
CA TYR B 130 -3.72 7.44 -5.51
C TYR B 130 -4.59 6.48 -6.31
N ASP B 131 -5.50 5.79 -5.63
CA ASP B 131 -6.38 4.83 -6.25
C ASP B 131 -7.86 5.17 -6.04
N PRO B 132 -8.47 5.87 -7.01
CA PRO B 132 -9.87 6.31 -6.91
C PRO B 132 -10.86 5.16 -6.80
N ARG B 133 -10.59 4.10 -7.56
CA ARG B 133 -11.23 2.80 -7.43
C ARG B 133 -12.71 2.74 -7.81
N HIS B 134 -13.45 3.83 -7.65
CA HIS B 134 -14.85 3.83 -8.02
C HIS B 134 -15.01 4.09 -9.51
N PRO B 135 -15.95 3.39 -10.16
CA PRO B 135 -16.32 3.72 -11.54
C PRO B 135 -16.59 5.21 -11.68
N PHE B 136 -15.89 5.84 -12.62
CA PHE B 136 -16.02 7.27 -12.88
C PHE B 136 -17.48 7.69 -13.11
N GLU B 137 -18.26 6.80 -13.71
CA GLU B 137 -19.64 7.13 -14.08
C GLU B 137 -20.65 6.80 -12.99
N PHE B 138 -20.17 6.41 -11.81
CA PHE B 138 -21.06 5.95 -10.74
C PHE B 138 -21.65 7.08 -9.92
N ILE B 139 -22.97 7.04 -9.75
CA ILE B 139 -23.66 8.05 -8.94
C ILE B 139 -24.56 7.41 -7.89
N PRO B 140 -24.28 7.68 -6.61
CA PRO B 140 -25.17 7.15 -5.57
C PRO B 140 -26.48 7.92 -5.54
N ASP B 141 -27.50 7.31 -4.96
CA ASP B 141 -28.80 7.97 -4.83
C ASP B 141 -28.68 9.17 -3.87
N PRO B 142 -29.05 10.36 -4.35
CA PRO B 142 -28.96 11.64 -3.62
C PRO B 142 -29.36 11.57 -2.14
N SER B 143 -30.14 10.56 -1.77
CA SER B 143 -30.51 10.35 -0.37
C SER B 143 -29.29 10.15 0.53
N LEU B 144 -28.17 9.76 -0.08
CA LEU B 144 -26.90 9.69 0.62
C LEU B 144 -26.59 10.99 1.34
N TRP B 145 -26.66 12.10 0.61
CA TRP B 145 -26.27 13.40 1.15
C TRP B 145 -27.45 14.30 1.53
N ARG B 146 -28.64 14.01 1.02
CA ARG B 146 -29.76 14.93 1.25
C ARG B 146 -30.19 15.02 2.71
N GLU B 147 -30.14 13.93 3.47
CA GLU B 147 -30.48 14.02 4.89
C GLU B 147 -29.41 14.83 5.62
N GLY B 148 -28.16 14.62 5.23
CA GLY B 148 -27.04 15.38 5.78
C GLY B 148 -27.22 16.87 5.60
N ILE B 149 -27.49 17.27 4.37
CA ILE B 149 -27.69 18.68 4.03
C ILE B 149 -28.75 19.34 4.89
N GLU B 150 -29.80 18.57 5.22
CA GLU B 150 -30.90 19.10 6.03
C GLU B 150 -30.51 19.35 7.49
N ARG B 151 -29.55 18.56 8.00
CA ARG B 151 -29.16 18.68 9.40
C ARG B 151 -27.83 19.40 9.56
N SER B 152 -27.43 20.15 8.54
CA SER B 152 -26.12 20.79 8.56
C SER B 152 -26.18 22.26 8.19
N ARG B 153 -25.33 23.04 8.84
CA ARG B 153 -25.21 24.48 8.59
C ARG B 153 -24.40 24.71 7.32
N HIS B 154 -23.28 24.01 7.21
CA HIS B 154 -22.39 24.15 6.07
C HIS B 154 -22.13 22.80 5.40
N VAL B 155 -21.87 22.82 4.10
CA VAL B 155 -21.54 21.59 3.37
C VAL B 155 -20.23 21.71 2.63
N HIS B 156 -19.27 20.86 2.96
CA HIS B 156 -18.02 20.81 2.20
C HIS B 156 -17.99 19.63 1.25
N VAL B 157 -17.97 19.93 -0.05
CA VAL B 157 -17.99 18.93 -1.10
C VAL B 157 -16.59 18.62 -1.62
N SER B 158 -16.15 17.38 -1.47
CA SER B 158 -14.85 16.95 -2.00
C SER B 158 -14.98 16.54 -3.45
N ILE B 159 -13.98 16.85 -4.26
CA ILE B 159 -14.12 16.69 -5.70
C ILE B 159 -14.14 15.23 -6.17
N MET B 160 -14.99 14.42 -5.56
CA MET B 160 -15.39 13.15 -6.15
C MET B 160 -16.32 13.46 -7.30
N ASN B 161 -16.28 12.67 -8.36
CA ASN B 161 -17.07 12.98 -9.55
C ASN B 161 -18.56 13.11 -9.25
N TRP B 162 -19.10 12.16 -8.48
CA TRP B 162 -20.53 12.13 -8.15
C TRP B 162 -20.94 13.25 -7.22
N ALA B 163 -19.97 13.74 -6.43
CA ALA B 163 -20.22 14.76 -5.41
C ALA B 163 -20.74 16.05 -6.05
N ARG B 164 -20.58 16.10 -7.37
CA ARG B 164 -21.03 17.17 -8.24
C ARG B 164 -22.49 17.55 -7.99
N TYR B 165 -23.31 16.55 -7.75
CA TYR B 165 -24.73 16.75 -7.55
C TYR B 165 -25.08 17.02 -6.10
N ALA B 166 -24.21 16.59 -5.20
CA ALA B 166 -24.34 16.92 -3.80
C ALA B 166 -24.26 18.43 -3.62
N LEU B 167 -23.26 19.02 -4.27
CA LEU B 167 -23.04 20.45 -4.22
C LEU B 167 -24.25 21.21 -4.74
N ARG B 168 -24.72 20.82 -5.92
CA ARG B 168 -25.91 21.39 -6.54
C ARG B 168 -27.10 21.31 -5.59
N ASP B 169 -27.32 20.12 -5.02
CA ASP B 169 -28.40 19.94 -4.04
C ASP B 169 -28.20 20.82 -2.82
N ALA B 170 -26.97 20.83 -2.30
CA ALA B 170 -26.64 21.62 -1.12
C ALA B 170 -26.92 23.09 -1.34
N VAL B 171 -26.56 23.60 -2.51
CA VAL B 171 -26.75 25.01 -2.84
C VAL B 171 -28.24 25.36 -2.91
N ALA B 172 -29.03 24.51 -3.57
CA ALA B 172 -30.47 24.73 -3.69
C ALA B 172 -31.15 24.71 -2.33
N ALA B 173 -30.50 24.08 -1.36
CA ALA B 173 -31.02 24.03 0.00
C ALA B 173 -30.56 25.22 0.82
N GLY B 174 -29.94 26.20 0.15
CA GLY B 174 -29.52 27.43 0.78
C GLY B 174 -28.51 27.28 1.90
N ARG B 175 -27.68 26.25 1.82
CA ARG B 175 -26.56 26.10 2.75
C ARG B 175 -25.31 26.73 2.15
N SER B 176 -24.45 27.29 2.99
CA SER B 176 -23.16 27.78 2.52
C SER B 176 -22.33 26.58 2.15
N THR B 177 -21.59 26.68 1.04
CA THR B 177 -20.85 25.55 0.53
C THR B 177 -19.39 25.88 0.24
N SER B 178 -18.55 24.86 0.32
CA SER B 178 -17.13 25.01 0.04
C SER B 178 -16.60 23.75 -0.63
N THR B 179 -15.47 23.89 -1.33
CA THR B 179 -14.86 22.74 -1.97
C THR B 179 -13.34 22.94 -2.10
N ASP B 180 -12.63 21.83 -2.23
CA ASP B 180 -11.19 21.85 -2.43
C ASP B 180 -10.87 21.20 -3.77
N LEU B 181 -10.37 22.00 -4.71
CA LEU B 181 -10.10 21.53 -6.05
C LEU B 181 -8.72 20.89 -6.15
N HIS B 182 -7.89 21.11 -5.14
CA HIS B 182 -6.54 20.55 -5.11
C HIS B 182 -5.78 21.01 -6.35
N ASP B 183 -5.03 20.12 -7.00
CA ASP B 183 -4.30 20.51 -8.20
C ASP B 183 -5.30 20.67 -9.33
N TRP B 184 -5.24 21.80 -10.01
CA TRP B 184 -6.11 22.07 -11.14
C TRP B 184 -5.39 23.06 -12.05
N ASP B 185 -5.23 22.69 -13.32
CA ASP B 185 -4.61 23.61 -14.28
C ASP B 185 -5.43 24.89 -14.40
N GLY B 186 -6.74 24.78 -14.22
CA GLY B 186 -7.62 25.91 -14.49
C GLY B 186 -8.26 25.78 -15.85
N VAL B 187 -8.01 24.64 -16.49
CA VAL B 187 -8.51 24.39 -17.84
C VAL B 187 -9.48 23.21 -17.89
N ALA B 188 -9.19 22.17 -17.10
CA ALA B 188 -10.00 20.95 -17.15
C ALA B 188 -11.45 21.23 -16.77
N ASP B 189 -12.37 20.56 -17.45
CA ASP B 189 -13.80 20.78 -17.26
C ASP B 189 -14.33 20.01 -16.07
N TYR B 190 -13.55 19.05 -15.59
CA TYR B 190 -13.98 18.19 -14.50
C TYR B 190 -14.27 19.03 -13.27
N HIS B 191 -13.28 19.82 -12.89
CA HIS B 191 -13.34 20.58 -11.66
C HIS B 191 -14.34 21.74 -11.74
N LYS B 192 -14.59 22.22 -12.96
CA LYS B 192 -15.36 23.45 -13.18
C LYS B 192 -16.71 23.51 -12.44
N ASP B 193 -17.46 22.42 -12.45
CA ASP B 193 -18.75 22.39 -11.76
C ASP B 193 -18.58 22.72 -10.29
N PHE B 194 -17.49 22.24 -9.70
CA PHE B 194 -17.20 22.56 -8.31
C PHE B 194 -16.68 23.99 -8.22
N ALA B 195 -15.79 24.34 -9.14
CA ALA B 195 -15.19 25.66 -9.16
C ALA B 195 -16.24 26.77 -9.25
N TYR B 196 -17.28 26.56 -10.05
CA TYR B 196 -18.28 27.59 -10.29
C TYR B 196 -19.50 27.46 -9.37
N GLY B 197 -19.61 26.30 -8.70
CA GLY B 197 -20.81 25.99 -7.94
C GLY B 197 -20.75 26.21 -6.44
N ALA B 198 -19.56 26.43 -5.89
CA ALA B 198 -19.43 26.50 -4.44
C ALA B 198 -19.23 27.93 -3.95
N ASP B 199 -19.69 28.19 -2.73
CA ASP B 199 -19.61 29.51 -2.13
C ASP B 199 -18.16 29.86 -1.80
N TYR B 200 -17.47 28.95 -1.10
CA TYR B 200 -16.08 29.18 -0.71
C TYR B 200 -15.14 28.23 -1.43
N VAL B 201 -14.28 28.75 -2.29
CA VAL B 201 -13.48 27.88 -3.13
C VAL B 201 -11.99 27.83 -2.77
N PHE B 202 -11.51 26.61 -2.52
CA PHE B 202 -10.10 26.37 -2.23
C PHE B 202 -9.40 25.66 -3.39
N VAL B 203 -8.20 26.11 -3.71
CA VAL B 203 -7.44 25.50 -4.81
C VAL B 203 -5.96 25.64 -4.50
N SER B 204 -5.18 24.63 -4.86
CA SER B 204 -3.74 24.66 -4.69
C SER B 204 -3.09 25.38 -5.86
N ALA B 205 -2.11 26.23 -5.55
CA ALA B 205 -1.43 27.01 -6.56
C ALA B 205 -0.56 26.17 -7.49
N ALA B 206 -0.41 24.90 -7.14
CA ALA B 206 0.52 23.96 -7.78
C ALA B 206 0.51 23.95 -9.31
N ALA B 207 -0.65 23.70 -9.90
CA ALA B 207 -0.74 23.56 -11.35
C ALA B 207 -1.43 24.76 -12.00
N LEU B 208 -1.59 25.83 -11.24
CA LEU B 208 -2.25 27.01 -11.77
C LEU B 208 -1.32 27.78 -12.71
N ARG B 209 -1.67 27.81 -14.00
CA ARG B 209 -0.85 28.49 -15.00
C ARG B 209 -1.06 29.99 -14.96
N ASP B 210 -2.32 30.41 -15.11
CA ASP B 210 -2.65 31.82 -15.04
C ASP B 210 -3.63 32.02 -13.90
N GLU B 211 -3.10 31.99 -12.68
CA GLU B 211 -3.91 32.08 -11.46
C GLU B 211 -4.91 33.21 -11.51
N SER B 212 -4.40 34.41 -11.78
CA SER B 212 -5.23 35.60 -11.97
C SER B 212 -6.44 35.35 -12.86
N GLY B 213 -6.16 34.93 -14.10
CA GLY B 213 -7.20 34.73 -15.09
C GLY B 213 -8.22 33.69 -14.71
N VAL B 214 -7.78 32.62 -14.06
CA VAL B 214 -8.69 31.55 -13.63
C VAL B 214 -9.68 32.11 -12.63
N VAL B 215 -9.15 32.80 -11.61
CA VAL B 215 -9.94 33.46 -10.59
C VAL B 215 -10.98 34.39 -11.19
N ALA B 216 -10.52 35.35 -11.99
CA ALA B 216 -11.37 36.30 -12.68
C ALA B 216 -12.52 35.59 -13.36
N ASP B 217 -12.19 34.50 -14.03
CA ASP B 217 -13.17 33.66 -14.68
C ASP B 217 -14.14 33.03 -13.68
N VAL B 218 -13.60 32.37 -12.67
CA VAL B 218 -14.43 31.75 -11.63
C VAL B 218 -15.45 32.72 -11.04
N PHE B 219 -14.99 33.92 -10.68
CA PHE B 219 -15.86 34.99 -10.20
C PHE B 219 -16.93 35.37 -11.21
N ALA B 220 -16.52 35.40 -12.46
CA ALA B 220 -17.41 35.81 -13.55
C ALA B 220 -18.47 34.76 -13.85
N ARG B 221 -18.06 33.51 -14.03
CA ARG B 221 -18.96 32.47 -14.46
C ARG B 221 -19.50 31.62 -13.31
N GLY B 222 -18.98 31.83 -12.11
CA GLY B 222 -19.39 31.02 -10.97
C GLY B 222 -19.87 31.84 -9.79
N ARG B 223 -20.38 31.16 -8.76
CA ARG B 223 -20.90 31.84 -7.58
C ARG B 223 -19.88 31.86 -6.47
N ALA B 224 -18.61 31.84 -6.87
CA ALA B 224 -17.52 31.97 -5.92
C ALA B 224 -17.63 33.30 -5.19
N GLN B 225 -17.82 33.19 -3.89
CA GLN B 225 -17.94 34.34 -3.00
C GLN B 225 -16.53 34.85 -2.70
N PHE B 226 -15.60 33.93 -2.53
CA PHE B 226 -14.16 34.23 -2.58
C PHE B 226 -13.37 32.98 -2.95
N VAL B 227 -12.12 33.17 -3.36
CA VAL B 227 -11.26 32.04 -3.73
C VAL B 227 -9.96 31.99 -2.93
N VAL B 228 -9.73 30.89 -2.23
CA VAL B 228 -8.53 30.78 -1.41
C VAL B 228 -7.49 29.89 -2.08
N VAL B 229 -6.42 30.52 -2.55
CA VAL B 229 -5.35 29.79 -3.19
C VAL B 229 -4.31 29.41 -2.16
N MET B 230 -4.05 28.12 -2.00
CA MET B 230 -3.04 27.65 -1.06
C MET B 230 -1.74 27.40 -1.81
N ALA B 231 -0.64 27.95 -1.29
CA ALA B 231 0.63 27.87 -2.00
C ALA B 231 1.75 27.38 -1.08
N GLY B 232 1.50 26.26 -0.41
CA GLY B 232 2.49 25.57 0.40
C GLY B 232 3.31 26.45 1.29
N SER B 233 4.63 26.36 1.13
CA SER B 233 5.57 27.10 1.96
C SER B 233 5.49 28.61 1.78
N GLU B 234 4.83 29.05 0.71
CA GLU B 234 4.76 30.47 0.42
C GLU B 234 3.49 31.10 1.00
N GLY B 235 2.72 30.32 1.76
CA GLY B 235 1.55 30.83 2.47
C GLY B 235 0.26 30.60 1.71
N ALA B 236 -0.54 31.64 1.55
CA ALA B 236 -1.84 31.53 0.90
C ALA B 236 -2.34 32.86 0.35
N ARG B 237 -3.12 32.80 -0.72
CA ARG B 237 -3.62 34.00 -1.36
C ARG B 237 -5.14 34.00 -1.33
N VAL B 238 -5.74 35.10 -0.89
CA VAL B 238 -7.20 35.19 -0.85
C VAL B 238 -7.72 36.22 -1.86
N TRP B 239 -8.58 35.77 -2.76
CA TRP B 239 -9.11 36.62 -3.82
C TRP B 239 -10.54 37.03 -3.56
N ARG B 240 -10.84 38.31 -3.79
CA ARG B 240 -12.22 38.81 -3.70
C ARG B 240 -12.58 39.52 -4.99
N ARG B 241 -13.88 39.60 -5.27
CA ARG B 241 -14.35 40.33 -6.43
C ARG B 241 -13.94 41.78 -6.33
N SER B 242 -13.93 42.30 -5.10
CA SER B 242 -13.73 43.72 -4.89
C SER B 242 -12.28 44.19 -5.05
N ASP B 243 -11.30 43.46 -4.53
CA ASP B 243 -9.91 43.89 -4.70
C ASP B 243 -9.28 43.16 -5.87
N GLU B 244 -8.58 43.92 -6.71
CA GLU B 244 -8.02 43.42 -7.96
C GLU B 244 -6.76 42.59 -7.75
N LEU B 245 -6.22 42.63 -6.53
CA LEU B 245 -5.03 41.86 -6.21
C LEU B 245 -5.27 40.90 -5.05
N PRO B 246 -4.56 39.76 -5.07
CA PRO B 246 -4.81 38.77 -4.02
C PRO B 246 -4.22 39.21 -2.70
N LEU B 247 -4.97 39.03 -1.62
CA LEU B 247 -4.44 39.31 -0.31
C LEU B 247 -3.59 38.16 0.16
N ARG B 248 -2.39 38.49 0.62
CA ARG B 248 -1.40 37.48 0.96
C ARG B 248 -1.36 37.18 2.45
N ILE B 249 -1.53 35.90 2.75
CA ILE B 249 -1.59 35.39 4.10
C ILE B 249 -0.26 34.75 4.46
N SER B 250 0.44 35.35 5.41
CA SER B 250 1.76 34.87 5.78
C SER B 250 1.72 33.44 6.24
N PRO B 251 2.70 32.63 5.80
CA PRO B 251 2.80 31.29 6.35
C PRO B 251 3.16 31.40 7.82
N ILE B 252 2.55 30.57 8.66
CA ILE B 252 2.73 30.69 10.10
C ILE B 252 3.73 29.67 10.60
N SER B 253 4.69 30.14 11.40
CA SER B 253 5.62 29.25 12.09
C SER B 253 5.11 28.98 13.49
N ILE B 254 5.00 27.71 13.85
CA ILE B 254 4.53 27.34 15.19
C ILE B 254 5.71 27.16 16.16
N PRO B 255 5.66 27.86 17.29
CA PRO B 255 6.65 27.82 18.37
C PRO B 255 6.65 26.50 19.14
N GLY B 256 7.70 25.71 18.96
CA GLY B 256 7.84 24.44 19.64
C GLY B 256 7.61 23.30 18.69
N ARG B 257 7.14 23.65 17.50
CA ARG B 257 6.73 22.67 16.51
C ARG B 257 7.32 23.03 15.16
N PRO B 258 8.43 22.40 14.79
CA PRO B 258 9.08 22.72 13.52
C PRO B 258 8.45 21.96 12.38
N VAL B 259 8.61 22.46 11.15
CA VAL B 259 8.01 21.83 9.99
C VAL B 259 8.75 20.53 9.69
N VAL B 260 8.00 19.45 9.54
CA VAL B 260 8.59 18.14 9.29
C VAL B 260 7.95 17.42 8.10
N ASP B 261 6.63 17.47 8.01
CA ASP B 261 5.91 16.76 6.94
C ASP B 261 4.67 17.52 6.49
N SER B 262 4.71 18.04 5.27
CA SER B 262 3.63 18.86 4.73
C SER B 262 2.49 18.03 4.14
N ASN B 263 2.21 16.89 4.75
CA ASN B 263 1.12 16.04 4.28
C ASN B 263 -0.12 16.22 5.12
N GLY B 264 -1.20 16.68 4.49
CA GLY B 264 -2.44 16.94 5.20
C GLY B 264 -2.69 18.41 5.48
N ALA B 265 -1.78 19.27 5.05
CA ALA B 265 -1.85 20.69 5.36
C ALA B 265 -3.04 21.38 4.73
N GLY B 266 -3.31 21.09 3.46
CA GLY B 266 -4.41 21.71 2.76
C GLY B 266 -5.76 21.42 3.38
N ASP B 267 -6.05 20.14 3.60
CA ASP B 267 -7.27 19.73 4.29
C ASP B 267 -7.36 20.39 5.67
N SER B 268 -6.22 20.45 6.36
CA SER B 268 -6.16 21.08 7.68
C SER B 268 -6.47 22.56 7.61
N PHE B 269 -5.86 23.22 6.62
CA PHE B 269 -6.12 24.63 6.34
C PHE B 269 -7.63 24.85 6.20
N VAL B 270 -8.22 24.07 5.30
CA VAL B 270 -9.65 24.14 5.02
C VAL B 270 -10.52 23.97 6.25
N ALA B 271 -10.20 22.99 7.10
CA ALA B 271 -11.00 22.73 8.29
C ALA B 271 -11.02 23.93 9.22
N ALA B 272 -9.82 24.48 9.49
CA ALA B 272 -9.69 25.61 10.40
C ALA B 272 -10.39 26.85 9.87
N PHE B 273 -10.15 27.15 8.59
CA PHE B 273 -10.78 28.28 7.93
C PHE B 273 -12.29 28.24 8.11
N LEU B 274 -12.90 27.13 7.71
CA LEU B 274 -14.34 26.97 7.80
C LEU B 274 -14.85 27.21 9.21
N CYS B 275 -14.22 26.55 10.19
CA CYS B 275 -14.66 26.65 11.58
C CYS B 275 -14.60 28.08 12.09
N HIS B 276 -13.63 28.84 11.60
CA HIS B 276 -13.46 30.21 12.02
C HIS B 276 -14.48 31.11 11.32
N TYR B 277 -14.61 30.91 10.02
CA TYR B 277 -15.52 31.72 9.21
C TYR B 277 -16.98 31.47 9.54
N LEU B 278 -17.31 30.26 9.97
CA LEU B 278 -18.67 29.95 10.38
C LEU B 278 -19.05 30.72 11.64
N ASP B 279 -18.05 31.01 12.46
CA ASP B 279 -18.31 31.68 13.72
C ASP B 279 -18.27 33.19 13.59
N HIS B 280 -17.27 33.70 12.88
CA HIS B 280 -16.99 35.13 12.89
C HIS B 280 -17.37 35.88 11.61
N GLY B 281 -17.25 35.23 10.46
CA GLY B 281 -17.60 35.88 9.22
C GLY B 281 -16.45 36.74 8.72
N ASP B 282 -15.37 36.73 9.49
CA ASP B 282 -14.12 37.39 9.12
C ASP B 282 -13.33 36.49 8.18
N ILE B 283 -13.10 36.96 6.95
CA ILE B 283 -12.45 36.11 5.96
C ILE B 283 -10.95 36.13 6.12
N PHE B 284 -10.38 37.30 6.45
CA PHE B 284 -8.94 37.39 6.64
C PHE B 284 -8.59 36.69 7.93
N GLY B 285 -9.46 36.84 8.92
CA GLY B 285 -9.28 36.19 10.21
C GLY B 285 -9.32 34.69 10.10
N ALA B 286 -10.24 34.18 9.30
CA ALA B 286 -10.34 32.74 9.08
C ALA B 286 -9.16 32.25 8.26
N ALA B 287 -8.75 33.07 7.30
CA ALA B 287 -7.62 32.73 6.44
C ALA B 287 -6.35 32.59 7.27
N ARG B 288 -6.19 33.45 8.27
CA ARG B 288 -5.05 33.37 9.17
C ARG B 288 -5.12 32.09 9.99
N ALA B 289 -6.32 31.72 10.43
CA ALA B 289 -6.52 30.52 11.21
C ALA B 289 -6.18 29.27 10.40
N GLY B 290 -6.63 29.23 9.17
CA GLY B 290 -6.31 28.11 8.30
C GLY B 290 -4.83 27.95 8.11
N ALA B 291 -4.11 29.08 8.06
CA ALA B 291 -2.66 29.08 7.93
C ALA B 291 -2.01 28.39 9.12
N VAL B 292 -2.61 28.59 10.29
CA VAL B 292 -2.21 27.87 11.49
C VAL B 292 -2.54 26.39 11.42
N GLY B 293 -3.75 26.07 10.98
CA GLY B 293 -4.18 24.69 10.86
C GLY B 293 -3.31 23.90 9.90
N GLY B 294 -3.01 24.50 8.75
CA GLY B 294 -2.11 23.90 7.80
C GLY B 294 -0.71 23.73 8.35
N ALA B 295 -0.22 24.73 9.08
CA ALA B 295 1.11 24.67 9.66
C ALA B 295 1.19 23.57 10.71
N TRP B 296 0.08 23.31 11.39
CA TRP B 296 0.04 22.27 12.41
C TRP B 296 0.20 20.91 11.77
N ALA B 297 -0.39 20.73 10.61
CA ALA B 297 -0.28 19.48 9.86
C ALA B 297 1.14 19.26 9.37
N CYS B 298 1.87 20.35 9.20
CA CYS B 298 3.28 20.28 8.81
C CYS B 298 4.11 19.88 10.01
N GLY B 299 3.61 20.21 11.20
CA GLY B 299 4.26 19.85 12.45
C GLY B 299 3.99 18.39 12.77
N THR B 300 3.07 17.81 12.03
CA THR B 300 2.67 16.42 12.24
C THR B 300 3.36 15.54 11.22
N LEU B 301 3.66 14.31 11.63
CA LEU B 301 4.31 13.35 10.76
C LEU B 301 3.24 12.50 10.12
N GLY B 302 3.42 12.17 8.84
CA GLY B 302 2.42 11.37 8.18
C GLY B 302 2.50 9.97 8.73
N THR B 303 1.53 9.64 9.59
CA THR B 303 1.37 8.39 10.33
C THR B 303 0.59 8.71 11.59
N HIS B 304 0.74 9.94 12.06
CA HIS B 304 -0.01 10.40 13.23
C HIS B 304 -1.13 11.31 12.76
N THR B 305 -2.28 11.13 13.37
CA THR B 305 -3.40 11.99 13.08
C THR B 305 -3.50 12.95 14.25
N SER B 306 -3.14 14.20 13.98
CA SER B 306 -3.15 15.25 14.97
C SER B 306 -3.61 16.55 14.31
N PHE B 307 -4.63 17.16 14.90
CA PHE B 307 -5.16 18.43 14.42
C PHE B 307 -5.17 19.42 15.57
N VAL B 308 -5.09 20.70 15.24
CA VAL B 308 -5.04 21.74 16.27
C VAL B 308 -6.40 21.88 16.94
N ASP B 309 -6.37 22.15 18.24
CA ASP B 309 -7.59 22.37 18.99
C ASP B 309 -7.90 23.86 19.01
N VAL B 310 -8.99 24.22 19.66
CA VAL B 310 -9.39 25.62 19.76
C VAL B 310 -8.33 26.44 20.50
N GLU B 311 -7.93 25.96 21.69
CA GLU B 311 -7.00 26.68 22.54
C GLU B 311 -5.72 27.13 21.86
N THR B 312 -5.06 26.19 21.19
CA THR B 312 -3.81 26.48 20.51
C THR B 312 -4.05 27.46 19.36
N LEU B 313 -5.19 27.27 18.68
CA LEU B 313 -5.57 28.14 17.58
C LEU B 313 -5.68 29.58 18.04
N GLU B 314 -6.51 29.81 19.05
CA GLU B 314 -6.75 31.15 19.55
C GLU B 314 -5.50 31.82 20.11
N ARG B 315 -4.65 31.03 20.77
CA ARG B 315 -3.39 31.56 21.28
C ARG B 315 -2.51 32.04 20.13
N LEU B 316 -2.29 31.18 19.15
CA LEU B 316 -1.42 31.52 18.04
C LEU B 316 -2.03 32.59 17.13
N LEU B 317 -3.36 32.71 17.16
CA LEU B 317 -4.03 33.72 16.36
C LEU B 317 -3.90 35.10 17.02
N ALA B 318 -3.68 35.09 18.33
CA ALA B 318 -3.36 36.28 19.10
C ALA B 318 -1.93 36.74 18.85
N ARG B 319 -1.09 35.81 18.41
CA ARG B 319 0.31 36.09 18.13
C ARG B 319 0.54 36.39 16.65
#